data_6DQO
#
_entry.id   6DQO
#
_cell.length_a   80.911
_cell.length_b   110.847
_cell.length_c   41.727
_cell.angle_alpha   90.00
_cell.angle_beta   90.00
_cell.angle_gamma   90.00
#
_symmetry.space_group_name_H-M   'C 2 2 21'
#
loop_
_entity.id
_entity.type
_entity.pdbx_description
1 polymer 'FMN reductase (NADPH)'
2 non-polymer 'FLAVIN MONONUCLEOTIDE'
3 non-polymer GLYCEROL
4 water water
#
_entity_poly.entity_id   1
_entity_poly.type   'polypeptide(L)'
_entity_poly.pdbx_seq_one_letter_code
;MRVITLAGSPRFPSRSSSLLEYAREKLNGLDVEVYHWNLQNFAPEDLLYARFDSPALKTFTEQLQQADGLIVATPVYKAA
YSGALKTLLDLLPERALQGKVVLPLATGGTVAHLLAVDAALKPVLSALKAQEILHGVFADDSQVIDYHHRPQFTPNLQTR
LDTALETFWQALHRRDVQVPDLLSLRGNAHA
;
_entity_poly.pdbx_strand_id   A
#
loop_
_chem_comp.id
_chem_comp.type
_chem_comp.name
_chem_comp.formula
FMN non-polymer 'FLAVIN MONONUCLEOTIDE' 'C17 H21 N4 O9 P'
GOL non-polymer GLYCEROL 'C3 H8 O3'
#
# COMPACT_ATOMS: atom_id res chain seq x y z
N MET A 1 -4.77 -15.96 -9.03
CA MET A 1 -4.68 -14.47 -8.86
C MET A 1 -3.88 -14.18 -7.61
N ARG A 2 -2.86 -13.32 -7.68
CA ARG A 2 -2.03 -13.03 -6.51
C ARG A 2 -1.90 -11.52 -6.33
N VAL A 3 -2.01 -11.07 -5.07
CA VAL A 3 -1.90 -9.66 -4.73
C VAL A 3 -0.92 -9.52 -3.56
N ILE A 4 -0.05 -8.51 -3.65
CA ILE A 4 0.78 -8.12 -2.52
C ILE A 4 0.11 -6.94 -1.83
N THR A 5 0.06 -6.95 -0.50
CA THR A 5 -0.28 -5.73 0.26
C THR A 5 0.97 -5.31 1.04
N LEU A 6 1.19 -3.99 1.10
CA LEU A 6 2.40 -3.43 1.68
C LEU A 6 2.01 -2.27 2.58
N ALA A 7 2.30 -2.40 3.87
CA ALA A 7 2.01 -1.37 4.86
C ALA A 7 3.22 -0.46 5.02
N GLY A 8 3.05 0.82 4.70
CA GLY A 8 4.12 1.79 4.79
C GLY A 8 4.26 2.50 6.11
N SER A 9 3.33 2.32 7.07
CA SER A 9 3.46 2.99 8.33
C SER A 9 4.49 2.29 9.23
N PRO A 10 5.34 3.06 9.90
CA PRO A 10 6.21 2.46 10.92
C PRO A 10 5.55 2.24 12.28
N ARG A 11 4.22 2.29 12.37
CA ARG A 11 3.46 2.03 13.59
C ARG A 11 2.64 0.75 13.53
N PHE A 12 2.54 0.06 14.67
CA PHE A 12 1.94 -1.28 14.73
C PHE A 12 1.10 -1.46 15.98
N PRO A 13 -0.24 -1.39 15.87
CA PRO A 13 -0.94 -1.25 14.60
C PRO A 13 -1.01 0.20 14.12
N SER A 14 -1.58 0.33 12.93
CA SER A 14 -1.49 1.56 12.18
C SER A 14 -2.85 1.83 11.58
N ARG A 15 -3.17 3.12 11.48
CA ARG A 15 -4.45 3.50 10.89
C ARG A 15 -4.50 3.20 9.41
N SER A 16 -3.44 3.55 8.66
CA SER A 16 -3.46 3.25 7.24
C SER A 16 -3.43 1.76 6.99
N SER A 17 -2.77 1.00 7.86
CA SER A 17 -2.74 -0.43 7.72
C SER A 17 -4.11 -1.06 7.96
N SER A 18 -5.00 -0.39 8.66
CA SER A 18 -6.34 -0.95 8.85
C SER A 18 -7.12 -0.96 7.55
N LEU A 19 -6.89 -0.01 6.66
CA LEU A 19 -7.46 -0.11 5.31
C LEU A 19 -6.94 -1.33 4.57
N LEU A 20 -5.64 -1.60 4.67
CA LEU A 20 -5.10 -2.81 4.05
C LEU A 20 -5.71 -4.06 4.66
N GLU A 21 -5.93 -4.05 5.98
CA GLU A 21 -6.52 -5.21 6.64
C GLU A 21 -7.90 -5.50 6.09
N TYR A 22 -8.70 -4.45 5.88
CA TYR A 22 -10.01 -4.58 5.27
C TYR A 22 -9.89 -5.10 3.86
N ALA A 23 -8.90 -4.61 3.09
CA ALA A 23 -8.74 -5.08 1.72
C ALA A 23 -8.42 -6.57 1.69
N ARG A 24 -7.50 -7.02 2.54
CA ARG A 24 -7.07 -8.42 2.48
C ARG A 24 -8.24 -9.34 2.77
N GLU A 25 -9.10 -8.93 3.66
CA GLU A 25 -10.29 -9.68 3.97
C GLU A 25 -11.29 -9.71 2.82
N LYS A 26 -11.58 -8.59 2.24
CA LYS A 26 -12.40 -8.59 1.04
C LYS A 26 -11.80 -9.53 0.00
N LEU A 27 -10.48 -9.45 -0.19
CA LEU A 27 -9.85 -10.21 -1.26
C LEU A 27 -9.85 -11.70 -0.98
N ASN A 28 -9.61 -12.10 0.26
CA ASN A 28 -9.61 -13.53 0.55
C ASN A 28 -10.99 -14.11 0.37
N GLY A 29 -12.04 -13.30 0.50
CA GLY A 29 -13.37 -13.75 0.14
C GLY A 29 -13.53 -14.03 -1.34
N LEU A 30 -12.65 -13.49 -2.17
CA LEU A 30 -12.77 -13.63 -3.62
C LEU A 30 -11.82 -14.68 -4.19
N ASP A 31 -11.15 -15.46 -3.35
CA ASP A 31 -10.18 -16.46 -3.82
C ASP A 31 -9.00 -15.77 -4.50
N VAL A 32 -8.41 -14.82 -3.79
CA VAL A 32 -7.18 -14.18 -4.21
C VAL A 32 -6.11 -14.62 -3.24
N GLU A 33 -4.96 -15.02 -3.77
CA GLU A 33 -3.78 -15.32 -2.98
C GLU A 33 -3.12 -14.00 -2.57
N VAL A 34 -3.11 -13.69 -1.28
CA VAL A 34 -2.62 -12.40 -0.77
C VAL A 34 -1.36 -12.61 0.06
N TYR A 35 -0.34 -11.79 -0.20
CA TYR A 35 0.91 -11.80 0.53
C TYR A 35 1.05 -10.42 1.19
N HIS A 36 1.08 -10.38 2.50
CA HIS A 36 1.11 -9.09 3.19
C HIS A 36 2.46 -8.89 3.82
N TRP A 37 3.01 -7.69 3.62
CA TRP A 37 4.33 -7.31 4.10
C TRP A 37 4.23 -5.98 4.83
N ASN A 38 5.08 -5.81 5.82
CA ASN A 38 5.24 -4.51 6.47
C ASN A 38 6.72 -4.31 6.73
N LEU A 39 7.08 -3.14 7.26
CA LEU A 39 8.49 -2.82 7.36
C LEU A 39 9.20 -3.61 8.45
N GLN A 40 8.45 -4.27 9.34
CA GLN A 40 9.09 -5.18 10.29
C GLN A 40 9.72 -6.40 9.64
N ASN A 41 9.36 -6.70 8.39
CA ASN A 41 9.80 -7.93 7.72
C ASN A 41 11.14 -7.76 7.00
N PHE A 42 11.80 -6.61 7.18
CA PHE A 42 13.12 -6.37 6.60
C PHE A 42 14.06 -5.93 7.72
N ALA A 43 15.38 -6.14 7.51
CA ALA A 43 16.34 -5.63 8.47
C ALA A 43 16.48 -4.13 8.29
N PRO A 44 16.34 -3.33 9.34
CA PRO A 44 16.36 -1.87 9.14
C PRO A 44 17.66 -1.40 8.53
N GLU A 45 18.78 -2.02 8.89
CA GLU A 45 20.04 -1.59 8.28
C GLU A 45 20.06 -1.84 6.78
N ASP A 46 19.36 -2.89 6.30
CA ASP A 46 19.32 -3.11 4.86
C ASP A 46 18.52 -2.01 4.17
N LEU A 47 17.46 -1.55 4.80
CA LEU A 47 16.61 -0.52 4.21
C LEU A 47 17.30 0.85 4.26
N LEU A 48 17.82 1.23 5.43
CA LEU A 48 18.40 2.56 5.54
C LEU A 48 19.63 2.72 4.66
N TYR A 49 20.44 1.67 4.51
CA TYR A 49 21.67 1.77 3.73
C TYR A 49 21.54 1.14 2.36
N ALA A 50 20.32 0.92 1.91
CA ALA A 50 20.02 0.48 0.54
C ALA A 50 20.88 -0.70 0.13
N ARG A 51 20.79 -1.76 0.92
CA ARG A 51 21.58 -2.97 0.71
C ARG A 51 20.79 -3.89 -0.21
N PHE A 52 21.19 -3.92 -1.47
CA PHE A 52 20.43 -4.68 -2.43
C PHE A 52 20.56 -6.19 -2.24
N ASP A 53 21.50 -6.65 -1.44
CA ASP A 53 21.61 -8.09 -1.16
C ASP A 53 20.78 -8.50 0.03
N SER A 54 19.88 -7.65 0.48
CA SER A 54 19.00 -7.98 1.58
C SER A 54 18.30 -9.30 1.29
N PRO A 55 18.37 -10.27 2.20
CA PRO A 55 17.62 -11.53 1.97
C PRO A 55 16.11 -11.33 1.83
N ALA A 56 15.49 -10.57 2.74
CA ALA A 56 14.05 -10.36 2.68
C ALA A 56 13.65 -9.63 1.41
N LEU A 57 14.48 -8.68 0.96
CA LEU A 57 14.19 -8.05 -0.31
C LEU A 57 14.12 -9.06 -1.45
N LYS A 58 15.01 -10.05 -1.43
CA LYS A 58 14.95 -11.07 -2.48
C LYS A 58 13.61 -11.79 -2.48
N THR A 59 13.18 -12.23 -1.30
CA THR A 59 11.88 -12.89 -1.20
C THR A 59 10.75 -11.96 -1.63
N PHE A 60 10.78 -10.71 -1.15
CA PHE A 60 9.72 -9.78 -1.50
C PHE A 60 9.67 -9.54 -3.00
N THR A 61 10.82 -9.31 -3.63
CA THR A 61 10.82 -9.09 -5.07
C THR A 61 10.36 -10.33 -5.83
N GLU A 62 10.66 -11.52 -5.33
CA GLU A 62 10.17 -12.74 -5.96
C GLU A 62 8.66 -12.86 -5.87
N GLN A 63 8.08 -12.56 -4.69
CA GLN A 63 6.62 -12.60 -4.55
C GLN A 63 5.96 -11.53 -5.40
N LEU A 64 6.57 -10.35 -5.47
CA LEU A 64 5.98 -9.28 -6.27
C LEU A 64 6.01 -9.63 -7.76
N GLN A 65 7.09 -10.26 -8.23
CA GLN A 65 7.17 -10.66 -9.64
C GLN A 65 5.98 -11.51 -10.05
N GLN A 66 5.55 -12.43 -9.21
CA GLN A 66 4.43 -13.32 -9.50
C GLN A 66 3.08 -12.63 -9.26
N ALA A 67 3.08 -11.45 -8.67
CA ALA A 67 1.82 -10.79 -8.33
C ALA A 67 1.24 -10.01 -9.49
N ASP A 68 -0.09 -10.03 -9.55
CA ASP A 68 -0.85 -9.25 -10.51
C ASP A 68 -1.14 -7.84 -10.06
N GLY A 69 -1.23 -7.61 -8.75
CA GLY A 69 -1.52 -6.27 -8.23
C GLY A 69 -0.85 -6.04 -6.89
N LEU A 70 -0.74 -4.76 -6.55
CA LEU A 70 -0.15 -4.27 -5.31
C LEU A 70 -1.11 -3.29 -4.68
N ILE A 71 -1.41 -3.46 -3.40
CA ILE A 71 -2.12 -2.45 -2.60
C ILE A 71 -1.10 -1.93 -1.62
N VAL A 72 -0.83 -0.62 -1.66
CA VAL A 72 0.20 -0.03 -0.81
C VAL A 72 -0.46 1.08 0.01
N ALA A 73 -0.16 1.12 1.31
CA ALA A 73 -0.74 2.10 2.21
C ALA A 73 0.34 2.92 2.87
N THR A 74 0.05 4.19 3.13
CA THR A 74 1.00 5.05 3.84
C THR A 74 0.27 6.05 4.72
N PRO A 75 0.87 6.42 5.84
CA PRO A 75 0.45 7.65 6.52
C PRO A 75 0.91 8.85 5.71
N VAL A 76 0.38 10.01 6.05
CA VAL A 76 0.94 11.28 5.57
C VAL A 76 1.97 11.76 6.59
N TYR A 77 3.24 11.77 6.21
CA TYR A 77 4.29 12.34 7.05
C TYR A 77 4.91 13.53 6.32
N LYS A 78 4.86 14.70 6.94
CA LYS A 78 5.45 15.92 6.35
C LYS A 78 4.96 16.15 4.93
N ALA A 79 3.65 16.09 4.78
CA ALA A 79 2.95 16.29 3.52
C ALA A 79 3.32 15.31 2.42
N ALA A 80 3.79 14.11 2.76
CA ALA A 80 4.13 13.13 1.77
C ALA A 80 3.96 11.73 2.36
N TYR A 81 4.45 10.74 1.62
CA TYR A 81 4.45 9.34 2.07
C TYR A 81 5.53 9.17 3.11
N SER A 82 5.48 8.06 3.82
CA SER A 82 6.48 7.86 4.86
C SER A 82 7.82 7.56 4.20
N GLY A 83 8.86 8.10 4.79
CA GLY A 83 10.20 7.76 4.36
C GLY A 83 10.48 6.29 4.52
N ALA A 84 9.93 5.68 5.57
CA ALA A 84 10.14 4.26 5.78
C ALA A 84 9.64 3.45 4.61
N LEU A 85 8.46 3.80 4.06
CA LEU A 85 7.97 3.09 2.89
C LEU A 85 8.87 3.31 1.68
N LYS A 86 9.28 4.54 1.46
CA LYS A 86 10.15 4.88 0.35
C LYS A 86 11.46 4.15 0.39
N THR A 87 12.02 3.87 1.60
CA THR A 87 13.26 3.12 1.63
C THR A 87 13.13 1.77 0.95
N LEU A 88 12.01 1.12 1.11
CA LEU A 88 11.78 -0.16 0.44
C LEU A 88 11.50 0.03 -1.04
N LEU A 89 10.63 0.99 -1.41
CA LEU A 89 10.40 1.20 -2.83
C LEU A 89 11.70 1.49 -3.56
N ASP A 90 12.61 2.24 -2.92
CA ASP A 90 13.87 2.56 -3.56
C ASP A 90 14.67 1.33 -3.91
N LEU A 91 14.45 0.23 -3.21
CA LEU A 91 15.23 -0.99 -3.37
C LEU A 91 14.60 -1.95 -4.36
N LEU A 92 13.44 -1.62 -4.91
CA LEU A 92 12.79 -2.47 -5.91
C LEU A 92 13.47 -2.31 -7.27
N PRO A 93 13.55 -3.40 -8.04
CA PRO A 93 14.16 -3.31 -9.36
C PRO A 93 13.45 -2.25 -10.19
N GLU A 94 14.18 -1.69 -11.13
CA GLU A 94 13.50 -0.97 -12.19
C GLU A 94 12.47 -1.90 -12.81
N ARG A 95 11.37 -1.32 -13.25
CA ARG A 95 10.25 -2.00 -13.87
C ARG A 95 9.52 -2.93 -12.91
N ALA A 96 9.73 -2.79 -11.59
CA ALA A 96 9.18 -3.76 -10.64
C ALA A 96 7.66 -3.84 -10.70
N LEU A 97 6.99 -2.78 -11.12
CA LEU A 97 5.53 -2.77 -11.19
C LEU A 97 5.01 -2.84 -12.61
N GLN A 98 5.88 -3.13 -13.58
CA GLN A 98 5.46 -3.29 -14.97
C GLN A 98 4.44 -4.42 -15.06
N GLY A 99 3.34 -4.14 -15.75
CA GLY A 99 2.29 -5.12 -15.94
C GLY A 99 1.35 -5.27 -14.78
N LYS A 100 1.49 -4.47 -13.71
CA LYS A 100 0.69 -4.64 -12.51
C LYS A 100 -0.18 -3.45 -12.20
N VAL A 101 -1.30 -3.73 -11.53
CA VAL A 101 -2.25 -2.72 -11.10
C VAL A 101 -1.89 -2.33 -9.68
N VAL A 102 -1.87 -1.02 -9.40
CA VAL A 102 -1.54 -0.50 -8.08
C VAL A 102 -2.69 0.28 -7.50
N LEU A 103 -3.11 -0.08 -6.28
CA LEU A 103 -4.11 0.67 -5.53
C LEU A 103 -3.44 1.36 -4.35
N PRO A 104 -3.30 2.68 -4.39
CA PRO A 104 -2.73 3.39 -3.23
C PRO A 104 -3.78 3.78 -2.22
N LEU A 105 -3.38 3.69 -0.96
CA LEU A 105 -4.24 4.02 0.16
C LEU A 105 -3.48 4.91 1.13
N ALA A 106 -4.16 5.89 1.73
CA ALA A 106 -3.46 6.68 2.72
C ALA A 106 -4.41 7.24 3.77
N THR A 107 -3.88 7.48 4.97
CA THR A 107 -4.60 8.21 5.99
C THR A 107 -3.73 9.39 6.42
N GLY A 108 -4.38 10.50 6.75
CA GLY A 108 -3.64 11.68 7.15
C GLY A 108 -4.43 12.61 8.01
N GLY A 109 -3.71 13.58 8.60
CA GLY A 109 -4.34 14.57 9.46
C GLY A 109 -5.23 15.56 8.73
N THR A 110 -4.81 16.03 7.55
CA THR A 110 -5.56 17.07 6.86
C THR A 110 -5.83 16.73 5.42
N VAL A 111 -6.96 17.23 4.93
CA VAL A 111 -7.34 16.95 3.56
C VAL A 111 -6.33 17.52 2.59
N ALA A 112 -5.82 18.73 2.88
CA ALA A 112 -4.86 19.35 1.97
C ALA A 112 -3.66 18.43 1.78
N HIS A 113 -3.19 17.82 2.84
CA HIS A 113 -2.03 16.96 2.67
C HIS A 113 -2.39 15.59 2.15
N LEU A 114 -3.66 15.18 2.20
CA LEU A 114 -4.06 14.00 1.47
C LEU A 114 -3.97 14.23 -0.03
N LEU A 115 -4.29 15.44 -0.50
CA LEU A 115 -4.03 15.75 -1.89
C LEU A 115 -2.53 15.70 -2.18
N ALA A 116 -1.73 16.21 -1.25
CA ALA A 116 -0.28 16.23 -1.45
C ALA A 116 0.29 14.82 -1.55
N VAL A 117 -0.14 13.90 -0.68
CA VAL A 117 0.44 12.55 -0.73
C VAL A 117 0.03 11.81 -2.00
N ASP A 118 -1.19 12.05 -2.50
CA ASP A 118 -1.61 11.50 -3.78
C ASP A 118 -0.70 11.96 -4.89
N ALA A 119 -0.43 13.26 -4.95
CA ALA A 119 0.47 13.81 -5.96
C ALA A 119 1.91 13.35 -5.80
N ALA A 120 2.36 13.11 -4.60
CA ALA A 120 3.71 12.67 -4.35
C ALA A 120 3.91 11.20 -4.70
N LEU A 121 2.94 10.34 -4.40
CA LEU A 121 3.08 8.92 -4.66
C LEU A 121 3.11 8.61 -6.14
N LYS A 122 2.29 9.32 -6.92
CA LYS A 122 2.12 8.93 -8.32
C LYS A 122 3.44 8.88 -9.08
N PRO A 123 4.28 9.92 -9.09
CA PRO A 123 5.53 9.83 -9.86
C PRO A 123 6.43 8.69 -9.41
N VAL A 124 6.39 8.34 -8.12
CA VAL A 124 7.21 7.23 -7.66
C VAL A 124 6.69 5.91 -8.23
N LEU A 125 5.38 5.70 -8.17
CA LEU A 125 4.81 4.49 -8.73
C LEU A 125 4.99 4.43 -10.25
N SER A 126 4.89 5.58 -10.91
CA SER A 126 5.19 5.64 -12.34
C SER A 126 6.65 5.33 -12.63
N ALA A 127 7.56 5.75 -11.75
CA ALA A 127 8.96 5.42 -11.96
C ALA A 127 9.22 3.93 -11.87
N LEU A 128 8.39 3.20 -11.17
CA LEU A 128 8.45 1.76 -11.09
C LEU A 128 7.67 1.09 -12.21
N LYS A 129 7.11 1.89 -13.11
CA LYS A 129 6.47 1.40 -14.34
C LYS A 129 5.12 0.73 -14.10
N ALA A 130 4.38 1.13 -13.07
CA ALA A 130 3.06 0.54 -12.85
C ALA A 130 2.17 0.66 -14.09
N GLN A 131 1.48 -0.42 -14.43
CA GLN A 131 0.63 -0.44 -15.61
C GLN A 131 -0.57 0.50 -15.45
N GLU A 132 -1.24 0.43 -14.30
CA GLU A 132 -2.24 1.44 -13.99
C GLU A 132 -2.16 1.75 -12.50
N ILE A 133 -2.30 3.04 -12.19
CA ILE A 133 -2.37 3.53 -10.82
C ILE A 133 -3.80 3.99 -10.63
N LEU A 134 -4.53 3.24 -9.83
CA LEU A 134 -5.91 3.59 -9.54
C LEU A 134 -6.00 4.90 -8.75
N HIS A 135 -7.17 5.51 -8.81
CA HIS A 135 -7.43 6.74 -8.08
C HIS A 135 -7.04 6.60 -6.61
N GLY A 136 -7.43 5.51 -5.98
CA GLY A 136 -7.03 5.27 -4.60
C GLY A 136 -7.97 5.87 -3.58
N VAL A 137 -7.63 5.65 -2.32
CA VAL A 137 -8.46 6.08 -1.20
C VAL A 137 -7.57 6.82 -0.23
N PHE A 138 -7.86 8.11 -0.03
CA PHE A 138 -7.08 9.01 0.81
C PHE A 138 -8.03 9.65 1.80
N ALA A 139 -7.95 9.21 3.06
CA ALA A 139 -8.94 9.53 4.06
C ALA A 139 -8.32 10.26 5.25
N ASP A 140 -9.04 11.23 5.77
CA ASP A 140 -8.53 11.88 6.98
C ASP A 140 -8.80 10.99 8.19
N ASP A 141 -8.02 11.24 9.24
CA ASP A 141 -8.05 10.38 10.43
C ASP A 141 -9.44 10.21 11.02
N SER A 142 -10.26 11.27 10.99
CA SER A 142 -11.59 11.18 11.60
C SER A 142 -12.48 10.14 10.96
N GLN A 143 -12.11 9.62 9.79
CA GLN A 143 -12.92 8.65 9.08
C GLN A 143 -12.64 7.22 9.53
N VAL A 144 -11.59 7.00 10.30
CA VAL A 144 -11.29 5.70 10.86
C VAL A 144 -11.71 5.72 12.32
N ILE A 145 -12.75 4.92 12.63
CA ILE A 145 -13.28 4.88 13.99
C ILE A 145 -12.44 3.98 14.89
N ASP A 146 -11.96 2.86 14.36
CA ASP A 146 -11.15 1.91 15.12
C ASP A 146 -10.14 1.27 14.18
N TYR A 147 -8.83 1.40 14.52
CA TYR A 147 -7.80 0.66 13.80
C TYR A 147 -7.03 -0.31 14.71
N HIS A 148 -7.42 -0.44 15.98
CA HIS A 148 -6.77 -1.33 16.92
C HIS A 148 -7.45 -2.69 17.00
N HIS A 149 -8.77 -2.72 16.80
CA HIS A 149 -9.54 -3.97 16.89
C HIS A 149 -9.96 -4.36 15.50
N ARG A 150 -11.17 -4.83 15.32
CA ARG A 150 -11.65 -5.04 13.96
C ARG A 150 -11.77 -3.67 13.30
N PRO A 151 -11.15 -3.46 12.14
CA PRO A 151 -11.20 -2.13 11.50
C PRO A 151 -12.65 -1.66 11.40
N GLN A 152 -12.86 -0.41 11.78
CA GLN A 152 -14.17 0.23 11.70
C GLN A 152 -14.06 1.61 11.07
N PHE A 153 -14.83 1.84 10.02
CA PHE A 153 -14.76 3.08 9.26
C PHE A 153 -16.11 3.77 9.28
N THR A 154 -16.10 5.09 9.02
CA THR A 154 -17.36 5.75 8.72
C THR A 154 -17.97 5.11 7.47
N PRO A 155 -19.30 5.22 7.33
CA PRO A 155 -19.94 4.66 6.13
C PRO A 155 -19.34 5.19 4.84
N ASN A 156 -19.05 6.49 4.79
CA ASN A 156 -18.42 7.10 3.61
C ASN A 156 -17.11 6.41 3.27
N LEU A 157 -16.21 6.24 4.25
CA LEU A 157 -14.93 5.61 3.94
C LEU A 157 -15.09 4.14 3.57
N GLN A 158 -15.99 3.42 4.26
CA GLN A 158 -16.19 2.04 3.88
C GLN A 158 -16.70 1.95 2.44
N THR A 159 -17.61 2.83 2.04
CA THR A 159 -18.09 2.81 0.66
C THR A 159 -16.95 3.07 -0.31
N ARG A 160 -16.13 4.10 -0.04
CA ARG A 160 -15.01 4.41 -0.92
C ARG A 160 -14.04 3.24 -1.03
N LEU A 161 -13.78 2.54 0.08
CA LEU A 161 -12.91 1.38 0.02
C LEU A 161 -13.53 0.28 -0.83
N ASP A 162 -14.82 -0.01 -0.62
CA ASP A 162 -15.47 -1.07 -1.38
C ASP A 162 -15.46 -0.76 -2.86
N THR A 163 -15.70 0.51 -3.23
CA THR A 163 -15.63 0.88 -4.64
C THR A 163 -14.23 0.67 -5.19
N ALA A 164 -13.23 1.16 -4.47
CA ALA A 164 -11.87 1.03 -4.94
C ALA A 164 -11.47 -0.43 -5.08
N LEU A 165 -11.87 -1.27 -4.16
CA LEU A 165 -11.50 -2.67 -4.24
C LEU A 165 -12.22 -3.36 -5.39
N GLU A 166 -13.47 -2.99 -5.66
CA GLU A 166 -14.15 -3.55 -6.82
C GLU A 166 -13.49 -3.09 -8.10
N THR A 167 -13.08 -1.82 -8.16
CA THR A 167 -12.33 -1.31 -9.30
C THR A 167 -11.01 -2.07 -9.46
N PHE A 168 -10.31 -2.32 -8.35
CA PHE A 168 -9.06 -3.06 -8.37
C PHE A 168 -9.28 -4.48 -8.87
N TRP A 169 -10.28 -5.15 -8.31
CA TRP A 169 -10.59 -6.52 -8.74
C TRP A 169 -10.86 -6.60 -10.23
N GLN A 170 -11.70 -5.69 -10.73
CA GLN A 170 -12.01 -5.73 -12.17
C GLN A 170 -10.75 -5.46 -12.99
N ALA A 171 -10.01 -4.41 -12.65
CA ALA A 171 -8.77 -4.10 -13.36
C ALA A 171 -7.85 -5.30 -13.44
N LEU A 172 -7.86 -6.17 -12.43
CA LEU A 172 -7.05 -7.38 -12.54
C LEU A 172 -7.69 -8.39 -13.50
N HIS A 173 -9.02 -8.37 -13.61
CA HIS A 173 -9.87 -9.35 -14.31
C HIS A 173 -10.09 -10.60 -13.45
N1 FMN B . -0.91 14.58 8.83
C2 FMN B . -1.02 15.63 7.82
O2 FMN B . -2.07 15.89 7.37
N3 FMN B . 0.19 16.31 7.31
C4 FMN B . 1.48 16.00 7.83
O4 FMN B . 2.44 16.58 7.40
C4A FMN B . 1.56 14.93 8.85
N5 FMN B . 2.84 14.60 9.37
C5A FMN B . 2.94 13.54 10.40
C6 FMN B . 4.19 13.18 10.88
C7 FMN B . 4.28 12.21 11.87
C7M FMN B . 5.71 11.96 12.32
C8 FMN B . 3.14 11.61 12.35
C8M FMN B . 3.33 10.54 13.42
C9 FMN B . 1.91 11.95 11.85
C9A FMN B . 1.80 12.91 10.87
N10 FMN B . 0.47 13.27 10.35
C10 FMN B . 0.38 14.27 9.36
C1' FMN B . -0.74 12.56 10.81
C2' FMN B . -0.76 11.19 10.14
O2' FMN B . -0.73 11.29 8.72
C3' FMN B . -2.07 10.43 10.46
O3' FMN B . -2.28 10.49 11.85
C4' FMN B . -2.02 9.02 9.93
O4' FMN B . -3.35 8.49 9.97
C5' FMN B . -1.15 8.02 10.69
O5' FMN B . -1.22 6.83 9.96
P FMN B . -0.55 5.48 10.56
O1P FMN B . -0.87 4.41 9.57
O2P FMN B . -1.32 5.20 11.86
O3P FMN B . 0.87 5.67 10.91
HN3 FMN B . 0.11 16.91 6.69
H6 FMN B . 4.97 13.58 10.54
HM71 FMN B . 5.93 12.55 13.06
HM72 FMN B . 6.32 12.15 11.58
HM73 FMN B . 5.81 11.04 12.60
HM81 FMN B . 3.50 9.69 13.00
HM82 FMN B . 2.53 10.49 13.98
HM83 FMN B . 4.10 10.78 13.98
H9 FMN B . 1.15 11.54 12.19
H1'1 FMN B . -0.71 12.45 11.78
H1'2 FMN B . -1.53 13.07 10.57
H2' FMN B . 0.03 10.73 10.47
HO2' FMN B . -1.16 11.98 8.48
H3' FMN B . -2.83 10.84 10.01
HO3' FMN B . -1.59 10.24 12.26
H4' FMN B . -1.63 9.09 9.04
HO4' FMN B . -3.65 8.55 10.76
H5'1 FMN B . -0.22 8.34 10.72
H5'2 FMN B . -1.48 7.89 11.59
N1 FMN C . 3.41 14.15 15.07
N1 FMN C . 1.46 19.85 8.88
C2 FMN C . 4.87 14.17 14.92
C2 FMN C . 2.79 20.32 8.42
O2 FMN C . 5.54 13.59 15.69
O2 FMN C . 2.91 21.20 7.64
N3 FMN C . 5.53 14.93 13.82
N3 FMN C . 3.99 19.65 8.97
C4 FMN C . 4.74 15.66 12.86
C4 FMN C . 3.88 18.58 9.91
O4 FMN C . 5.23 16.26 11.99
O4 FMN C . 4.82 18.05 10.38
C4A FMN C . 3.25 15.64 13.02
C4A FMN C . 2.53 18.16 10.39
N5 FMN C . 2.46 16.36 12.06
N5 FMN C . 2.46 17.10 11.36
C5A FMN C . 0.98 16.34 12.19
C5A FMN C . 1.14 16.63 11.84
C6 FMN C . 0.22 17.06 11.26
C6 FMN C . 1.11 15.59 12.78
C7 FMN C . -1.16 17.04 11.38
C7 FMN C . -0.11 15.13 13.25
C7M FMN C . -1.79 17.87 10.27
C7M FMN C . 0.14 14.00 14.25
C8 FMN C . -1.77 16.32 12.41
C8 FMN C . -1.29 15.70 12.78
C8M FMN C . -3.28 16.34 12.52
C8M FMN C . -2.62 15.17 13.31
C9 FMN C . -1.01 15.63 13.34
C9 FMN C . -1.26 16.73 11.83
C9A FMN C . 0.37 15.64 13.23
C9A FMN C . -0.04 17.22 11.36
N10 FMN C . 1.20 14.87 14.21
N10 FMN C . 0.05 18.33 10.35
C10 FMN C . 2.62 14.89 14.09
C10 FMN C . 1.35 18.77 9.87
C1' FMN C . 0.62 14.18 15.33
C1' FMN C . -1.12 18.98 9.79
C2' FMN C . 0.46 12.67 15.43
O2' FMN C . -0.66 12.34 14.71
C3' FMN C . 0.24 12.47 16.93
O3' FMN C . 1.45 12.61 17.65
C4' FMN C . -0.32 11.08 17.23
O4' FMN C . -0.65 10.99 18.58
C5' FMN C . 0.82 10.14 16.86
O5' FMN C . 0.36 8.85 17.10
P FMN C . 1.05 7.65 16.21
O1P FMN C . 2.56 7.68 16.36
O2P FMN C . 0.48 6.34 16.74
O3P FMN C . 0.67 7.78 14.76
HN3 FMN C . 6.38 14.93 13.75
HN3 FMN C . 4.77 19.91 8.70
H6 FMN C . 0.63 17.54 10.58
H6 FMN C . 1.90 15.22 13.09
HM71 FMN C . -1.96 17.30 9.50
HM71 FMN C . 1.08 13.98 14.48
HM72 FMN C . -1.18 18.58 10.02
HM72 FMN C . -0.13 13.16 13.86
HM73 FMN C . -2.62 18.26 10.58
HM73 FMN C . -0.39 14.17 15.05
HM81 FMN C . -3.55 17.05 13.13
HM81 FMN C . -3.33 15.38 12.67
HM82 FMN C . -3.58 15.49 12.87
HM82 FMN C . -2.82 15.59 14.16
HM83 FMN C . -3.67 16.49 11.65
HM83 FMN C . -2.56 14.21 13.42
H9 FMN C . -1.43 15.16 14.03
H9 FMN C . -2.06 17.09 11.52
H1'1 FMN C . 1.15 14.43 16.10
H1'1 FMN C . -1.20 18.76 8.86
H1'2 FMN C . -0.28 14.53 15.43
H1'2 FMN C . -1.92 18.70 10.27
H2' FMN C . 1.21 12.14 15.10
HO2' FMN C . -1.34 12.76 15.04
H3' FMN C . -0.40 13.15 17.19
HO3' FMN C . 2.09 12.30 17.20
H4' FMN C . -1.13 10.88 16.74
HO4' FMN C . 0.05 11.08 19.06
H5'1 FMN C . 1.04 10.25 15.92
H5'2 FMN C . 1.59 10.33 17.41
C1 GOL D . 12.96 -9.72 10.49
O1 GOL D . 13.12 -8.55 11.26
C2 GOL D . 13.89 -9.57 9.27
O2 GOL D . 15.22 -9.36 9.64
C3 GOL D . 13.68 -10.87 8.48
O3 GOL D . 14.21 -10.64 7.22
H11 GOL D . 13.20 -10.53 10.98
H12 GOL D . 12.04 -9.85 10.20
HO1 GOL D . 12.46 -8.05 11.07
H2 GOL D . 13.64 -8.79 8.74
HO2 GOL D . 15.23 -8.87 10.33
H31 GOL D . 14.10 -11.60 8.96
H32 GOL D . 12.73 -11.08 8.47
#